data_6I64
#
_entry.id   6I64
#
_cell.length_a   64.320
_cell.length_b   64.320
_cell.length_c   138.520
_cell.angle_alpha   90.00
_cell.angle_beta   90.00
_cell.angle_gamma   90.00
#
_symmetry.space_group_name_H-M   'P 41 21 2'
#
loop_
_entity.id
_entity.type
_entity.pdbx_description
1 polymer 'Estrogen-related receptor gamma'
2 non-polymer 4-[1-(4-hydroxyphenyl)ethyl]phenol
3 non-polymer GLYCEROL
4 water water
#
_entity_poly.entity_id   1
_entity_poly.type   'polypeptide(L)'
_entity_poly.pdbx_seq_one_letter_code
;GPHMLNPQLVQPAKKPYNKIVSHLLVAEPEKIYAMPDPTVPDSDIKALTTLCDLADRELVVIIGWAKHIPGFSTLSLADQ
MSLLQSAWMEILILGVVYRSLSFEDELVYADDYIMDEDQSKLAGLLDLNNAILQLVKKYKSMKLEKEEFVTLKAIALANS
DSMHIEDVEAVQKLQDVLHEALQDYEAGQHMEDPRRAGKMLMTLPLLRQTSTKAVQHFYNIKLEGKVPMHKLFLEMLEAK
V
;
_entity_poly.pdbx_strand_id   A
#
loop_
_chem_comp.id
_chem_comp.type
_chem_comp.name
_chem_comp.formula
GOL non-polymer GLYCEROL 'C3 H8 O3'
H48 non-polymer 4-[1-(4-hydroxyphenyl)ethyl]phenol 'C14 H14 O2'
#
# COMPACT_ATOMS: atom_id res chain seq x y z
N TYR A 17 -13.07 -4.98 -20.74
CA TYR A 17 -13.82 -4.33 -19.68
C TYR A 17 -13.48 -2.85 -19.50
N ASN A 18 -13.39 -2.48 -18.22
CA ASN A 18 -13.17 -1.11 -17.79
C ASN A 18 -11.81 -0.56 -18.22
N LYS A 19 -11.79 0.66 -18.73
CA LYS A 19 -10.55 1.26 -19.22
CA LYS A 19 -10.55 1.26 -19.22
C LYS A 19 -9.68 1.76 -18.06
N ILE A 20 -10.29 2.37 -17.05
CA ILE A 20 -9.50 2.80 -15.90
C ILE A 20 -8.76 1.62 -15.29
N VAL A 21 -9.41 0.46 -15.21
CA VAL A 21 -8.76 -0.72 -14.66
C VAL A 21 -7.62 -1.19 -15.57
N SER A 22 -7.85 -1.21 -16.89
CA SER A 22 -6.77 -1.59 -17.80
CA SER A 22 -6.79 -1.57 -17.83
C SER A 22 -5.64 -0.59 -17.75
N HIS A 23 -5.96 0.71 -17.57
CA HIS A 23 -4.93 1.72 -17.50
C HIS A 23 -4.11 1.57 -16.22
N LEU A 24 -4.76 1.30 -15.09
CA LEU A 24 -4.01 1.10 -13.86
C LEU A 24 -3.13 -0.14 -13.94
N LEU A 25 -3.60 -1.19 -14.61
CA LEU A 25 -2.76 -2.36 -14.81
C LEU A 25 -1.48 -2.03 -15.55
N VAL A 26 -1.58 -1.32 -16.70
CA VAL A 26 -0.33 -1.03 -17.42
C VAL A 26 0.54 -0.03 -16.68
N ALA A 27 -0.03 0.79 -15.79
CA ALA A 27 0.78 1.74 -15.04
C ALA A 27 1.43 1.13 -13.81
N GLU A 28 1.18 -0.12 -13.52
CA GLU A 28 1.73 -0.74 -12.32
C GLU A 28 3.26 -0.76 -12.42
N PRO A 29 3.97 -0.24 -11.42
CA PRO A 29 5.44 -0.23 -11.49
C PRO A 29 6.08 -1.60 -11.30
N GLU A 30 7.31 -1.70 -11.79
CA GLU A 30 8.11 -2.90 -11.64
C GLU A 30 8.52 -3.10 -10.18
N LYS A 31 8.55 -4.36 -9.74
CA LYS A 31 9.07 -4.68 -8.42
C LYS A 31 10.54 -4.28 -8.29
N ILE A 32 10.94 -3.87 -7.08
CA ILE A 32 12.35 -3.58 -6.82
C ILE A 32 12.85 -4.49 -5.70
N TYR A 33 14.17 -4.61 -5.64
CA TYR A 33 14.83 -5.50 -4.69
C TYR A 33 15.17 -4.77 -3.40
N ALA A 34 15.12 -5.51 -2.29
CA ALA A 34 15.50 -4.92 -1.00
C ALA A 34 17.01 -4.79 -0.89
N MET A 35 17.76 -5.76 -1.42
CA MET A 35 19.21 -5.78 -1.35
C MET A 35 19.76 -5.59 0.07
N PRO A 36 19.39 -6.47 1.02
CA PRO A 36 20.06 -6.45 2.32
C PRO A 36 21.57 -6.61 2.15
N ASP A 37 22.33 -5.84 2.90
CA ASP A 37 23.80 -5.83 2.82
C ASP A 37 24.36 -7.17 3.28
N PRO A 38 24.92 -7.99 2.39
CA PRO A 38 25.40 -9.32 2.81
C PRO A 38 26.59 -9.28 3.76
N THR A 39 27.24 -8.13 3.93
CA THR A 39 28.38 -8.04 4.83
C THR A 39 27.99 -7.67 6.25
N VAL A 40 26.73 -7.33 6.48
CA VAL A 40 26.26 -6.86 7.77
C VAL A 40 25.67 -8.04 8.54
N PRO A 41 26.03 -8.25 9.80
CA PRO A 41 25.43 -9.35 10.57
C PRO A 41 23.94 -9.10 10.78
N ASP A 42 23.18 -10.19 10.84
CA ASP A 42 21.74 -10.07 11.03
C ASP A 42 21.42 -9.51 12.40
N SER A 43 20.49 -8.57 12.45
CA SER A 43 20.03 -7.97 13.69
C SER A 43 18.70 -7.30 13.42
N ASP A 44 18.06 -6.82 14.49
CA ASP A 44 16.86 -6.00 14.30
C ASP A 44 17.21 -4.71 13.56
N ILE A 45 18.39 -4.15 13.80
CA ILE A 45 18.78 -2.90 13.17
C ILE A 45 18.98 -3.09 11.66
N LYS A 46 19.58 -4.21 11.27
CA LYS A 46 19.72 -4.50 9.85
C LYS A 46 18.36 -4.68 9.17
N ALA A 47 17.47 -5.44 9.79
CA ALA A 47 16.17 -5.69 9.15
C ALA A 47 15.37 -4.39 9.03
N LEU A 48 15.35 -3.58 10.08
CA LEU A 48 14.64 -2.32 10.03
C LEU A 48 15.30 -1.33 9.07
N THR A 49 16.63 -1.33 9.00
CA THR A 49 17.30 -0.51 8.00
C THR A 49 16.94 -0.97 6.59
N THR A 50 16.95 -2.28 6.37
CA THR A 50 16.60 -2.81 5.05
C THR A 50 15.19 -2.39 4.67
N LEU A 51 14.25 -2.56 5.60
CA LEU A 51 12.85 -2.28 5.29
C LEU A 51 12.61 -0.79 5.05
N CYS A 52 13.18 0.09 5.88
CA CYS A 52 12.98 1.53 5.65
C CYS A 52 13.70 1.99 4.39
N ASP A 53 14.83 1.39 4.06
CA ASP A 53 15.53 1.70 2.80
CA ASP A 53 15.52 1.70 2.80
C ASP A 53 14.68 1.29 1.61
N LEU A 54 14.09 0.09 1.66
CA LEU A 54 13.20 -0.34 0.59
C LEU A 54 12.02 0.61 0.46
N ALA A 55 11.38 0.92 1.60
CA ALA A 55 10.20 1.78 1.57
C ALA A 55 10.53 3.14 0.96
N ASP A 56 11.74 3.67 1.24
CA ASP A 56 12.14 4.96 0.69
C ASP A 56 12.18 4.93 -0.83
N ARG A 57 12.78 3.89 -1.41
CA ARG A 57 12.81 3.79 -2.86
C ARG A 57 11.45 3.45 -3.44
N GLU A 58 10.61 2.72 -2.70
CA GLU A 58 9.25 2.48 -3.20
C GLU A 58 8.42 3.76 -3.20
N LEU A 59 8.63 4.64 -2.22
CA LEU A 59 7.90 5.90 -2.17
C LEU A 59 8.16 6.77 -3.39
N VAL A 60 9.40 6.78 -3.90
CA VAL A 60 9.69 7.48 -5.15
C VAL A 60 8.88 6.87 -6.29
N VAL A 61 8.84 5.55 -6.35
CA VAL A 61 8.11 4.88 -7.41
C VAL A 61 6.60 5.12 -7.28
N ILE A 62 6.12 5.29 -6.05
CA ILE A 62 4.69 5.51 -5.84
C ILE A 62 4.28 6.89 -6.36
N ILE A 63 5.09 7.92 -6.06
CA ILE A 63 4.84 9.26 -6.57
C ILE A 63 4.74 9.28 -8.09
N GLY A 64 5.60 8.52 -8.77
CA GLY A 64 5.53 8.44 -10.22
C GLY A 64 4.30 7.70 -10.70
N TRP A 65 3.90 6.65 -9.98
CA TRP A 65 2.70 5.90 -10.36
C TRP A 65 1.45 6.75 -10.25
N ALA A 66 1.37 7.60 -9.22
CA ALA A 66 0.12 8.32 -8.99
C ALA A 66 -0.19 9.31 -10.11
N LYS A 67 0.84 9.77 -10.82
CA LYS A 67 0.61 10.70 -11.92
C LYS A 67 -0.12 10.05 -13.08
N HIS A 68 -0.22 8.72 -13.10
CA HIS A 68 -0.99 7.99 -14.11
C HIS A 68 -2.46 7.84 -13.77
N ILE A 69 -2.86 8.18 -12.56
CA ILE A 69 -4.25 8.07 -12.13
C ILE A 69 -5.05 9.20 -12.76
N PRO A 70 -6.15 8.89 -13.50
CA PRO A 70 -6.90 9.95 -14.18
C PRO A 70 -7.33 11.04 -13.21
N GLY A 71 -6.86 12.25 -13.45
CA GLY A 71 -7.25 13.41 -12.69
C GLY A 71 -6.28 13.78 -11.60
N PHE A 72 -5.40 12.86 -11.20
CA PHE A 72 -4.54 13.15 -10.05
C PHE A 72 -3.59 14.31 -10.33
N SER A 73 -2.94 14.32 -11.50
CA SER A 73 -1.95 15.36 -11.77
C SER A 73 -2.58 16.72 -12.06
N THR A 74 -3.89 16.78 -12.28
CA THR A 74 -4.56 18.07 -12.42
C THR A 74 -4.92 18.69 -11.08
N LEU A 75 -4.88 17.94 -9.99
CA LEU A 75 -4.93 18.56 -8.68
C LEU A 75 -3.71 19.45 -8.47
N SER A 76 -3.86 20.44 -7.60
CA SER A 76 -2.73 21.28 -7.22
C SER A 76 -1.63 20.45 -6.59
N LEU A 77 -0.40 20.98 -6.63
CA LEU A 77 0.73 20.26 -6.04
C LEU A 77 0.50 19.99 -4.56
N ALA A 78 -0.04 20.98 -3.83
CA ALA A 78 -0.29 20.79 -2.41
C ALA A 78 -1.30 19.66 -2.18
N ASP A 79 -2.33 19.57 -3.02
CA ASP A 79 -3.33 18.51 -2.86
C ASP A 79 -2.77 17.14 -3.23
N GLN A 80 -1.98 17.05 -4.31
CA GLN A 80 -1.29 15.79 -4.62
C GLN A 80 -0.46 15.33 -3.43
N MET A 81 0.30 16.26 -2.83
CA MET A 81 1.16 15.92 -1.70
C MET A 81 0.35 15.51 -0.46
N SER A 82 -0.78 16.18 -0.22
CA SER A 82 -1.60 15.82 0.94
C SER A 82 -2.11 14.40 0.82
N LEU A 83 -2.63 14.03 -0.34
CA LEU A 83 -3.11 12.67 -0.56
CA LEU A 83 -3.12 12.67 -0.53
C LEU A 83 -1.99 11.65 -0.32
N LEU A 84 -0.82 11.90 -0.91
CA LEU A 84 0.27 10.95 -0.73
C LEU A 84 0.73 10.89 0.72
N GLN A 85 0.75 12.03 1.40
CA GLN A 85 1.23 12.03 2.77
C GLN A 85 0.24 11.36 3.72
N SER A 86 -1.02 11.26 3.33
CA SER A 86 -1.97 10.48 4.11
C SER A 86 -1.95 8.99 3.75
N ALA A 87 -1.74 8.64 2.49
CA ALA A 87 -1.94 7.27 2.06
C ALA A 87 -0.68 6.44 1.90
N TRP A 88 0.52 7.03 2.07
CA TRP A 88 1.73 6.33 1.64
C TRP A 88 1.85 4.94 2.26
N MET A 89 1.57 4.82 3.56
CA MET A 89 1.77 3.55 4.26
C MET A 89 0.72 2.52 3.85
N GLU A 90 -0.54 2.94 3.67
CA GLU A 90 -1.57 2.05 3.13
C GLU A 90 -1.13 1.48 1.78
N ILE A 91 -0.61 2.32 0.90
CA ILE A 91 -0.17 1.85 -0.42
C ILE A 91 1.00 0.87 -0.29
N LEU A 92 1.97 1.19 0.55
CA LEU A 92 3.08 0.26 0.76
C LEU A 92 2.55 -1.08 1.27
N ILE A 93 1.69 -1.04 2.30
CA ILE A 93 1.22 -2.29 2.91
C ILE A 93 0.39 -3.09 1.94
N LEU A 94 -0.50 -2.44 1.18
CA LEU A 94 -1.26 -3.18 0.18
CA LEU A 94 -1.26 -3.16 0.17
C LEU A 94 -0.32 -3.89 -0.79
N GLY A 95 0.81 -3.25 -1.12
CA GLY A 95 1.79 -3.89 -1.99
C GLY A 95 2.32 -5.21 -1.44
N VAL A 96 2.84 -5.20 -0.21
CA VAL A 96 3.39 -6.44 0.33
CA VAL A 96 3.36 -6.43 0.37
C VAL A 96 2.27 -7.47 0.52
N VAL A 97 1.07 -7.02 0.90
CA VAL A 97 -0.06 -7.93 1.00
C VAL A 97 -0.25 -8.68 -0.32
N TYR A 98 -0.31 -7.93 -1.41
CA TYR A 98 -0.59 -8.57 -2.70
C TYR A 98 0.54 -9.52 -3.11
N ARG A 99 1.80 -9.10 -2.92
CA ARG A 99 2.92 -9.98 -3.25
C ARG A 99 2.94 -11.25 -2.43
N SER A 100 2.20 -11.29 -1.32
CA SER A 100 2.24 -12.40 -0.39
C SER A 100 1.10 -13.38 -0.58
N LEU A 101 0.19 -13.14 -1.53
CA LEU A 101 -1.04 -13.92 -1.58
C LEU A 101 -0.78 -15.40 -1.84
N SER A 102 0.26 -15.75 -2.59
CA SER A 102 0.52 -17.15 -2.90
CA SER A 102 0.57 -17.14 -2.92
C SER A 102 1.42 -17.82 -1.88
N PHE A 103 1.79 -17.13 -0.80
CA PHE A 103 2.65 -17.68 0.23
C PHE A 103 1.83 -18.00 1.47
N GLU A 104 2.48 -18.67 2.41
CA GLU A 104 1.84 -19.17 3.62
C GLU A 104 2.61 -18.65 4.83
N ASP A 105 2.01 -17.73 5.57
CA ASP A 105 2.59 -17.17 6.80
C ASP A 105 3.93 -16.47 6.55
N GLU A 106 4.16 -15.98 5.33
CA GLU A 106 5.34 -15.21 4.99
C GLU A 106 4.92 -13.95 4.27
N LEU A 107 5.72 -12.89 4.44
CA LEU A 107 5.47 -11.59 3.84
C LEU A 107 6.56 -11.29 2.84
N VAL A 108 6.17 -11.08 1.59
CA VAL A 108 7.12 -10.88 0.48
C VAL A 108 7.31 -9.38 0.33
N TYR A 109 8.18 -8.80 1.16
CA TYR A 109 8.51 -7.38 1.00
C TYR A 109 9.19 -7.14 -0.35
N ALA A 110 10.03 -8.09 -0.76
CA ALA A 110 10.68 -8.09 -2.07
C ALA A 110 11.03 -9.55 -2.38
N ASP A 111 11.33 -9.82 -3.66
CA ASP A 111 11.67 -11.19 -4.03
C ASP A 111 12.86 -11.70 -3.24
N ASP A 112 13.79 -10.80 -2.92
CA ASP A 112 14.95 -11.11 -2.10
C ASP A 112 14.78 -10.71 -0.63
N TYR A 113 13.53 -10.52 -0.15
CA TYR A 113 13.33 -10.22 1.27
C TYR A 113 11.95 -10.74 1.70
N ILE A 114 11.90 -12.01 2.08
CA ILE A 114 10.67 -12.69 2.46
C ILE A 114 10.78 -12.99 3.95
N MET A 115 9.86 -12.46 4.74
CA MET A 115 9.92 -12.56 6.20
C MET A 115 8.99 -13.64 6.73
N ASP A 116 9.54 -14.58 7.51
CA ASP A 116 8.71 -15.54 8.21
C ASP A 116 8.51 -15.08 9.66
N GLU A 117 7.81 -15.90 10.45
CA GLU A 117 7.44 -15.50 11.80
C GLU A 117 8.66 -15.22 12.67
N ASP A 118 9.67 -16.10 12.60
CA ASP A 118 10.88 -15.90 13.39
C ASP A 118 11.56 -14.58 13.06
N GLN A 119 11.69 -14.26 11.78
CA GLN A 119 12.33 -12.99 11.42
C GLN A 119 11.52 -11.79 11.91
N SER A 120 10.19 -11.90 11.95
CA SER A 120 9.37 -10.81 12.46
C SER A 120 9.64 -10.60 13.94
N LYS A 121 9.68 -11.69 14.71
CA LYS A 121 10.00 -11.58 16.13
C LYS A 121 11.34 -10.86 16.34
N LEU A 122 12.40 -11.33 15.67
CA LEU A 122 13.72 -10.73 15.83
C LEU A 122 13.73 -9.25 15.44
N ALA A 123 12.91 -8.85 14.46
CA ALA A 123 12.85 -7.44 14.09
C ALA A 123 11.92 -6.64 14.98
N GLY A 124 11.26 -7.27 15.94
CA GLY A 124 10.27 -6.55 16.72
C GLY A 124 9.00 -6.21 15.97
N LEU A 125 8.69 -6.93 14.90
CA LEU A 125 7.55 -6.65 14.02
C LEU A 125 6.49 -7.75 14.07
N LEU A 126 6.53 -8.63 15.07
CA LEU A 126 5.63 -9.77 15.12
C LEU A 126 4.17 -9.35 15.09
N ASP A 127 3.80 -8.38 15.92
CA ASP A 127 2.40 -7.95 15.99
C ASP A 127 1.96 -7.22 14.73
N LEU A 128 2.81 -6.34 14.19
CA LEU A 128 2.45 -5.62 12.97
C LEU A 128 2.35 -6.57 11.78
N ASN A 129 3.30 -7.48 11.65
CA ASN A 129 3.26 -8.41 10.52
C ASN A 129 2.08 -9.38 10.66
N ASN A 130 1.71 -9.75 11.89
CA ASN A 130 0.54 -10.60 12.05
C ASN A 130 -0.72 -9.90 11.54
N ALA A 131 -0.82 -8.58 11.73
CA ALA A 131 -1.97 -7.85 11.19
C ALA A 131 -1.92 -7.79 9.68
N ILE A 132 -0.74 -7.63 9.11
CA ILE A 132 -0.61 -7.67 7.67
C ILE A 132 -1.00 -9.04 7.15
N LEU A 133 -0.65 -10.09 7.89
CA LEU A 133 -1.03 -11.45 7.49
C LEU A 133 -2.55 -11.67 7.58
N GLN A 134 -3.22 -10.96 8.49
CA GLN A 134 -4.68 -11.03 8.52
C GLN A 134 -5.29 -10.42 7.26
N LEU A 135 -4.73 -9.31 6.78
CA LEU A 135 -5.15 -8.76 5.48
C LEU A 135 -4.92 -9.77 4.37
N VAL A 136 -3.80 -10.48 4.42
CA VAL A 136 -3.51 -11.49 3.39
C VAL A 136 -4.56 -12.60 3.41
N LYS A 137 -4.87 -13.11 4.61
CA LYS A 137 -5.83 -14.19 4.75
C LYS A 137 -7.19 -13.81 4.15
N LYS A 138 -7.64 -12.59 4.43
CA LYS A 138 -8.92 -12.15 3.90
C LYS A 138 -8.89 -12.08 2.38
N TYR A 139 -7.83 -11.50 1.81
CA TYR A 139 -7.78 -11.37 0.36
C TYR A 139 -7.59 -12.72 -0.34
N LYS A 140 -6.95 -13.69 0.33
CA LYS A 140 -6.84 -15.03 -0.25
C LYS A 140 -8.21 -15.69 -0.40
N SER A 141 -9.00 -15.69 0.68
CA SER A 141 -10.33 -16.30 0.59
CA SER A 141 -10.34 -16.29 0.61
C SER A 141 -11.21 -15.56 -0.41
N MET A 142 -11.04 -14.25 -0.53
CA MET A 142 -11.81 -13.52 -1.54
C MET A 142 -11.26 -13.69 -2.93
N LYS A 143 -10.10 -14.35 -3.08
CA LYS A 143 -9.45 -14.52 -4.38
CA LYS A 143 -9.45 -14.52 -4.38
C LYS A 143 -9.23 -13.17 -5.05
N LEU A 144 -8.61 -12.25 -4.32
CA LEU A 144 -8.31 -10.92 -4.86
C LEU A 144 -7.52 -10.99 -6.16
N GLU A 145 -7.98 -10.28 -7.19
CA GLU A 145 -7.32 -10.27 -8.50
C GLU A 145 -6.41 -9.04 -8.64
N LYS A 146 -5.47 -9.12 -9.59
CA LYS A 146 -4.59 -7.96 -9.79
C LYS A 146 -5.38 -6.73 -10.18
N GLU A 147 -6.40 -6.91 -11.05
CA GLU A 147 -7.28 -5.81 -11.42
C GLU A 147 -7.89 -5.14 -10.20
N GLU A 148 -8.26 -5.94 -9.20
CA GLU A 148 -8.90 -5.37 -8.01
C GLU A 148 -7.88 -4.73 -7.08
N PHE A 149 -6.70 -5.32 -7.01
CA PHE A 149 -5.61 -4.74 -6.22
C PHE A 149 -5.23 -3.34 -6.70
N VAL A 150 -5.01 -3.16 -8.01
CA VAL A 150 -4.56 -1.86 -8.45
C VAL A 150 -5.68 -0.82 -8.29
N THR A 151 -6.94 -1.25 -8.41
CA THR A 151 -8.03 -0.28 -8.23
C THR A 151 -8.16 0.11 -6.77
N LEU A 152 -8.03 -0.87 -5.85
CA LEU A 152 -8.11 -0.52 -4.43
C LEU A 152 -6.96 0.37 -4.01
N LYS A 153 -5.78 0.14 -4.59
CA LYS A 153 -4.63 1.00 -4.30
C LYS A 153 -4.93 2.45 -4.65
N ALA A 154 -5.51 2.68 -5.84
CA ALA A 154 -5.87 4.04 -6.25
C ALA A 154 -6.96 4.61 -5.36
N ILE A 155 -7.95 3.79 -4.97
CA ILE A 155 -9.01 4.28 -4.10
C ILE A 155 -8.47 4.65 -2.72
N ALA A 156 -7.56 3.83 -2.18
CA ALA A 156 -6.92 4.15 -0.91
C ALA A 156 -6.24 5.52 -0.95
N LEU A 157 -5.56 5.81 -2.06
CA LEU A 157 -4.94 7.12 -2.22
C LEU A 157 -6.01 8.23 -2.23
N ALA A 158 -7.06 8.08 -3.03
CA ALA A 158 -8.05 9.14 -3.16
C ALA A 158 -8.89 9.32 -1.88
N ASN A 159 -9.03 8.27 -1.08
CA ASN A 159 -9.93 8.23 0.08
C ASN A 159 -9.14 8.32 1.38
N SER A 160 -7.99 8.97 1.35
CA SER A 160 -7.04 8.88 2.45
C SER A 160 -7.36 9.84 3.59
N ASP A 161 -8.38 10.69 3.44
CA ASP A 161 -8.92 11.51 4.54
C ASP A 161 -7.94 12.53 5.07
N SER A 162 -7.16 13.15 4.18
CA SER A 162 -6.29 14.23 4.61
C SER A 162 -7.10 15.39 5.18
N MET A 163 -6.61 15.95 6.29
CA MET A 163 -7.26 17.11 6.90
C MET A 163 -6.97 18.42 6.16
N HIS A 164 -6.12 18.41 5.12
CA HIS A 164 -5.57 19.63 4.56
C HIS A 164 -5.90 19.84 3.07
N ILE A 165 -7.02 19.29 2.59
CA ILE A 165 -7.31 19.37 1.16
C ILE A 165 -7.85 20.75 0.80
N GLU A 166 -7.30 21.34 -0.27
CA GLU A 166 -7.79 22.62 -0.78
C GLU A 166 -9.07 22.44 -1.59
N ASP A 167 -9.01 21.65 -2.66
CA ASP A 167 -10.14 21.47 -3.57
C ASP A 167 -10.89 20.19 -3.21
N VAL A 168 -11.74 20.28 -2.18
CA VAL A 168 -12.47 19.12 -1.68
C VAL A 168 -13.34 18.50 -2.79
N GLU A 169 -14.03 19.33 -3.57
CA GLU A 169 -14.91 18.79 -4.60
C GLU A 169 -14.13 17.97 -5.62
N ALA A 170 -12.93 18.44 -6.00
CA ALA A 170 -12.14 17.74 -7.03
C ALA A 170 -11.61 16.41 -6.51
N VAL A 171 -11.19 16.36 -5.25
CA VAL A 171 -10.78 15.10 -4.64
C VAL A 171 -11.97 14.14 -4.58
N GLN A 172 -13.15 14.65 -4.19
CA GLN A 172 -14.33 13.78 -4.14
C GLN A 172 -14.68 13.27 -5.53
N LYS A 173 -14.44 14.06 -6.59
CA LYS A 173 -14.67 13.56 -7.95
C LYS A 173 -13.67 12.46 -8.32
N LEU A 174 -12.42 12.61 -7.91
CA LEU A 174 -11.47 11.53 -8.14
C LEU A 174 -11.95 10.25 -7.45
N GLN A 175 -12.45 10.36 -6.21
CA GLN A 175 -12.97 9.18 -5.52
C GLN A 175 -14.10 8.53 -6.30
N ASP A 176 -14.99 9.34 -6.87
CA ASP A 176 -16.13 8.80 -7.60
C ASP A 176 -15.71 8.11 -8.90
N VAL A 177 -14.71 8.67 -9.58
CA VAL A 177 -14.23 8.09 -10.83
C VAL A 177 -13.66 6.69 -10.59
N LEU A 178 -12.91 6.53 -9.50
CA LEU A 178 -12.29 5.23 -9.19
C LEU A 178 -13.31 4.25 -8.62
N HIS A 179 -14.23 4.73 -7.78
CA HIS A 179 -15.29 3.85 -7.29
C HIS A 179 -16.13 3.33 -8.46
N GLU A 180 -16.51 4.20 -9.39
CA GLU A 180 -17.24 3.76 -10.57
C GLU A 180 -16.48 2.66 -11.30
N ALA A 181 -15.17 2.83 -11.47
CA ALA A 181 -14.38 1.81 -12.16
C ALA A 181 -14.47 0.48 -11.42
N LEU A 182 -14.35 0.49 -10.09
CA LEU A 182 -14.48 -0.75 -9.34
C LEU A 182 -15.88 -1.35 -9.50
N GLN A 183 -16.92 -0.53 -9.47
CA GLN A 183 -18.28 -1.04 -9.66
C GLN A 183 -18.42 -1.66 -11.04
N ASP A 184 -17.95 -0.94 -12.08
CA ASP A 184 -18.07 -1.44 -13.45
CA ASP A 184 -18.05 -1.43 -13.45
C ASP A 184 -17.29 -2.73 -13.63
N TYR A 185 -16.09 -2.81 -13.05
CA TYR A 185 -15.31 -4.03 -13.20
C TYR A 185 -16.03 -5.23 -12.59
N GLU A 186 -16.54 -5.07 -11.37
CA GLU A 186 -17.19 -6.19 -10.69
C GLU A 186 -18.50 -6.58 -11.35
N ALA A 187 -19.24 -5.61 -11.88
CA ALA A 187 -20.51 -5.93 -12.53
C ALA A 187 -20.31 -6.78 -13.77
N GLY A 188 -19.23 -6.54 -14.52
CA GLY A 188 -18.97 -7.30 -15.72
C GLY A 188 -18.23 -8.59 -15.46
N GLN A 189 -17.35 -8.60 -14.47
CA GLN A 189 -16.48 -9.74 -14.27
C GLN A 189 -16.96 -10.71 -13.20
N HIS A 190 -17.80 -10.27 -12.27
CA HIS A 190 -18.21 -11.13 -11.15
C HIS A 190 -19.73 -11.10 -11.00
N MET A 191 -20.42 -11.51 -12.07
CA MET A 191 -21.88 -11.52 -12.01
C MET A 191 -22.41 -12.51 -10.98
N GLU A 192 -21.58 -13.46 -10.54
CA GLU A 192 -22.01 -14.42 -9.53
C GLU A 192 -22.16 -13.80 -8.14
N ASP A 193 -21.60 -12.62 -7.90
CA ASP A 193 -21.68 -12.00 -6.59
C ASP A 193 -21.93 -10.53 -6.81
N PRO A 194 -23.20 -10.12 -6.87
CA PRO A 194 -23.51 -8.72 -7.14
C PRO A 194 -23.06 -7.77 -6.03
N ARG A 195 -22.51 -8.27 -4.92
CA ARG A 195 -22.05 -7.38 -3.87
C ARG A 195 -20.53 -7.41 -3.70
N ARG A 196 -19.81 -7.94 -4.68
CA ARG A 196 -18.35 -8.07 -4.54
C ARG A 196 -17.67 -6.70 -4.43
N ALA A 197 -18.16 -5.69 -5.15
CA ALA A 197 -17.54 -4.36 -5.05
C ALA A 197 -17.58 -3.85 -3.62
N GLY A 198 -18.74 -3.95 -2.97
CA GLY A 198 -18.86 -3.53 -1.58
C GLY A 198 -18.01 -4.34 -0.63
N LYS A 199 -17.90 -5.65 -0.89
CA LYS A 199 -17.01 -6.49 -0.08
C LYS A 199 -15.56 -6.01 -0.17
N MET A 200 -15.14 -5.62 -1.38
CA MET A 200 -13.80 -5.07 -1.58
C MET A 200 -13.61 -3.77 -0.81
N LEU A 201 -14.61 -2.88 -0.85
CA LEU A 201 -14.53 -1.64 -0.08
C LEU A 201 -14.50 -1.93 1.42
N MET A 202 -15.18 -3.00 1.86
CA MET A 202 -15.22 -3.30 3.28
C MET A 202 -13.92 -3.89 3.81
N THR A 203 -12.91 -4.14 2.95
CA THR A 203 -11.58 -4.50 3.40
C THR A 203 -10.72 -3.29 3.74
N LEU A 204 -11.14 -2.09 3.37
CA LEU A 204 -10.32 -0.91 3.54
C LEU A 204 -10.15 -0.52 5.02
N PRO A 205 -11.15 -0.76 5.91
CA PRO A 205 -10.93 -0.38 7.33
C PRO A 205 -9.77 -1.10 7.99
N LEU A 206 -9.62 -2.42 7.77
CA LEU A 206 -8.49 -3.13 8.38
C LEU A 206 -7.17 -2.63 7.81
N LEU A 207 -7.14 -2.31 6.51
CA LEU A 207 -5.95 -1.71 5.92
C LEU A 207 -5.62 -0.38 6.58
N ARG A 208 -6.62 0.46 6.84
CA ARG A 208 -6.36 1.75 7.48
C ARG A 208 -5.89 1.57 8.92
N GLN A 209 -6.46 0.60 9.63
CA GLN A 209 -6.06 0.31 11.01
C GLN A 209 -4.61 -0.16 11.08
N THR A 210 -4.25 -1.11 10.23
CA THR A 210 -2.88 -1.63 10.23
C THR A 210 -1.87 -0.54 9.84
N SER A 211 -2.22 0.30 8.86
CA SER A 211 -1.32 1.38 8.47
CA SER A 211 -1.31 1.38 8.48
CA SER A 211 -1.31 1.37 8.48
C SER A 211 -1.16 2.39 9.61
N THR A 212 -2.24 2.70 10.31
CA THR A 212 -2.17 3.63 11.45
C THR A 212 -1.18 3.11 12.50
N LYS A 213 -1.25 1.81 12.82
CA LYS A 213 -0.32 1.23 13.78
C LYS A 213 1.10 1.22 13.23
N ALA A 214 1.25 0.93 11.94
CA ALA A 214 2.60 0.83 11.35
C ALA A 214 3.31 2.19 11.35
N VAL A 215 2.60 3.26 10.98
CA VAL A 215 3.19 4.60 10.98
C VAL A 215 3.64 4.97 12.38
N GLN A 216 2.79 4.72 13.38
CA GLN A 216 3.19 5.06 14.74
C GLN A 216 4.42 4.25 15.17
N HIS A 217 4.44 2.96 14.80
CA HIS A 217 5.58 2.13 15.15
C HIS A 217 6.87 2.66 14.56
N PHE A 218 6.88 2.98 13.27
CA PHE A 218 8.12 3.44 12.66
C PHE A 218 8.43 4.87 13.06
N TYR A 219 7.43 5.65 13.44
CA TYR A 219 7.69 6.96 14.02
C TYR A 219 8.43 6.82 15.36
N ASN A 220 8.05 5.82 16.15
CA ASN A 220 8.77 5.56 17.39
C ASN A 220 10.21 5.13 17.10
N ILE A 221 10.39 4.25 16.11
CA ILE A 221 11.73 3.84 15.70
C ILE A 221 12.55 5.06 15.28
N LYS A 222 11.95 5.99 14.54
CA LYS A 222 12.65 7.21 14.14
C LYS A 222 13.10 8.00 15.35
N LEU A 223 12.27 8.09 16.39
CA LEU A 223 12.63 8.84 17.58
C LEU A 223 13.75 8.17 18.37
N GLU A 224 13.77 6.83 18.40
CA GLU A 224 14.85 6.14 19.11
C GLU A 224 16.21 6.38 18.48
N GLY A 225 16.24 6.75 17.20
CA GLY A 225 17.47 7.17 16.55
C GLY A 225 18.51 6.11 16.27
N LYS A 226 18.18 4.82 16.36
CA LYS A 226 19.14 3.78 16.08
C LYS A 226 19.05 3.22 14.66
N VAL A 227 18.03 3.58 13.91
CA VAL A 227 17.86 3.09 12.53
C VAL A 227 17.97 4.27 11.58
N PRO A 228 19.04 4.36 10.78
CA PRO A 228 19.14 5.46 9.82
C PRO A 228 18.03 5.38 8.77
N MET A 229 17.48 6.54 8.42
CA MET A 229 16.39 6.63 7.45
C MET A 229 16.74 7.71 6.43
N HIS A 230 16.29 7.50 5.19
CA HIS A 230 16.54 8.45 4.12
C HIS A 230 15.47 9.56 4.09
N LYS A 231 15.68 10.53 3.19
CA LYS A 231 14.98 11.81 3.25
C LYS A 231 13.48 11.66 3.02
N LEU A 232 13.08 10.95 1.96
CA LEU A 232 11.66 10.85 1.63
C LEU A 232 10.89 10.08 2.71
N PHE A 233 11.45 8.97 3.20
CA PHE A 233 10.78 8.21 4.24
C PHE A 233 10.58 9.06 5.48
N LEU A 234 11.60 9.84 5.85
CA LEU A 234 11.49 10.72 7.01
C LEU A 234 10.43 11.79 6.79
N GLU A 235 10.41 12.38 5.59
CA GLU A 235 9.38 13.35 5.23
C GLU A 235 7.99 12.77 5.39
N MET A 236 7.77 11.53 4.93
CA MET A 236 6.46 10.91 5.06
C MET A 236 6.12 10.60 6.51
N LEU A 237 7.12 10.27 7.33
CA LEU A 237 6.87 10.03 8.75
C LEU A 237 6.59 11.32 9.50
N GLU A 238 7.20 12.42 9.09
CA GLU A 238 7.04 13.67 9.82
C GLU A 238 5.74 14.37 9.47
N ALA A 239 5.29 14.24 8.23
CA ALA A 239 3.99 14.80 7.84
C ALA A 239 2.88 14.31 8.74
N LYS A 240 2.92 13.05 9.14
CA LYS A 240 1.88 12.42 9.96
C LYS A 240 1.86 13.04 11.36
CAA H48 B . 7.35 0.38 6.12
CAD H48 B . 5.97 -2.27 2.79
CAE H48 B . 8.30 -1.77 2.32
CAF H48 B . 6.89 -3.87 8.14
CAG H48 B . 5.05 -2.30 8.24
CAH H48 B . 6.17 -1.88 4.13
CAI H48 B . 8.48 -1.39 3.66
CAJ H48 B . 7.55 -3.06 7.23
CAK H48 B . 5.73 -1.49 7.32
CAL H48 B . 7.04 -2.21 1.87
CAM H48 B . 5.65 -3.50 8.64
CAN H48 B . 7.43 -1.45 4.56
CAO H48 B . 6.97 -1.88 6.81
CAP H48 B . 7.68 -1.07 5.90
OAB H48 B . 6.86 -2.57 0.56
OAC H48 B . 5.03 -4.31 9.51
C1 GOL C . 16.44 10.17 11.85
O1 GOL C . 15.93 9.67 13.06
C2 GOL C . 17.40 9.08 11.32
O2 GOL C . 16.80 7.84 11.38
C3 GOL C . 17.81 9.54 9.87
O3 GOL C . 18.98 8.87 9.49
C1 GOL D . -4.84 9.24 7.09
O1 GOL D . -6.05 9.95 6.99
C2 GOL D . -5.11 7.82 6.55
O2 GOL D . -5.45 7.76 5.20
C3 GOL D . -3.84 7.10 6.83
O3 GOL D . -3.81 5.93 6.05
C1 GOL E . 3.70 -7.64 -7.96
O1 GOL E . 2.90 -8.82 -7.96
C2 GOL E . 2.84 -6.40 -7.46
O2 GOL E . 2.42 -5.59 -8.54
C3 GOL E . 3.83 -5.61 -6.52
O3 GOL E . 3.09 -5.05 -5.48
#